data_9QDH
#
_entry.id   9QDH
#
_cell.length_a   70.739
_cell.length_b   85.198
_cell.length_c   90.666
_cell.angle_alpha   90.00
_cell.angle_beta   90.00
_cell.angle_gamma   90.00
#
_symmetry.space_group_name_H-M   'P 21 21 21'
#
loop_
_entity.id
_entity.type
_entity.pdbx_description
1 polymer 'IgA protease'
2 non-polymer DI(HYDROXYETHYL)ETHER
3 non-polymer 'ZINC ION'
4 water water
#
_entity_poly.entity_id   1
_entity_poly.type   'polypeptide(L)'
_entity_poly.pdbx_seq_one_letter_code
;GGSGPDWNVSTEQSIQLTLGPWYSNDGKYSNPTIPVYTIQKTRSDTENMVVVVCGEGYTKSQQGKFINDVKRLWQDAMKY
EPYRSYADRFNVYALCTASESTFDNGGSTFFDVIVDKYNSPVISNNLHGSQWKNHIFERCIGPEFIEKIHDAHIKKKCDP
NTIPSGSEYEPYYYVHDYIAQFAMVVNTKSDFGGAYNNREYGFHYFISPSDSYRASKTFAHEFGHGLLGLGDEYSNGYLL
DDKELKSLNLSSVEDPEKIKWRQLLGFRNTYTCRNAYGSKMLVSSYECIMRDTNYQFCEVCRLQGFKRMSQLVKDVDLYV
ATPEVKEYTGAYSKPSDFTDLETSSYYNYTYNRNDRLLSGNSKSRFNTNMNGKKIELRTVIQNISDKNARQLKFKMWIKH
SDGSVATDSSGNPLQTVQTFDIPVWNDKANFWPLGALDHIKSDFNSGLKSCSLIYQIPSDAQLKSGDTVAFQVLDENGNV
LADDNTETQRYTTVSIQYKFEDGSEIPNTAGGTFTVPYGTKLDLTPAKTLYDYEFIKVDGLNKPIVSDGTVVTYYYKNKN
;
_entity_poly.pdbx_strand_id   A
#
loop_
_chem_comp.id
_chem_comp.type
_chem_comp.name
_chem_comp.formula
PEG non-polymer DI(HYDROXYETHYL)ETHER 'C4 H10 O3'
ZN non-polymer 'ZINC ION' 'Zn 2'
#
# COMPACT_ATOMS: atom_id res chain seq x y z
N PRO A 5 0.26 -19.92 -31.86
CA PRO A 5 1.64 -19.61 -31.53
C PRO A 5 2.22 -20.53 -30.44
N ASP A 6 3.33 -20.11 -29.85
CA ASP A 6 4.02 -20.91 -28.84
C ASP A 6 4.31 -20.04 -27.62
N TRP A 7 4.39 -20.68 -26.44
CA TRP A 7 4.74 -19.97 -25.22
C TRP A 7 6.14 -19.38 -25.34
N ASN A 8 6.28 -18.10 -24.97
CA ASN A 8 7.59 -17.49 -24.82
C ASN A 8 8.01 -17.37 -23.35
N VAL A 9 7.51 -18.27 -22.50
CA VAL A 9 7.89 -18.36 -21.08
C VAL A 9 8.03 -19.83 -20.73
N SER A 10 8.62 -20.10 -19.57
CA SER A 10 8.77 -21.47 -19.10
C SER A 10 7.43 -22.06 -18.69
N THR A 11 7.24 -23.34 -19.01
CA THR A 11 6.04 -24.06 -18.60
C THR A 11 6.31 -25.03 -17.45
N GLU A 12 7.48 -24.95 -16.83
CA GLU A 12 7.85 -25.95 -15.82
C GLU A 12 7.00 -25.84 -14.56
N GLN A 13 6.55 -24.63 -14.21
CA GLN A 13 5.60 -24.44 -13.14
C GLN A 13 4.32 -23.85 -13.71
N SER A 14 3.19 -24.50 -13.42
CA SER A 14 1.93 -24.11 -14.03
C SER A 14 0.79 -24.65 -13.20
N ILE A 15 -0.41 -24.14 -13.47
CA ILE A 15 -1.63 -24.70 -12.95
C ILE A 15 -2.54 -25.02 -14.13
N GLN A 16 -3.42 -25.98 -13.93
CA GLN A 16 -4.42 -26.34 -14.93
C GLN A 16 -5.80 -26.10 -14.36
N LEU A 17 -6.69 -25.54 -15.18
CA LEU A 17 -8.07 -25.30 -14.80
C LEU A 17 -8.98 -26.13 -15.69
N THR A 18 -10.20 -26.35 -15.20
CA THR A 18 -11.29 -26.95 -15.97
C THR A 18 -12.42 -25.93 -15.98
N LEU A 19 -12.66 -25.30 -17.13
CA LEU A 19 -13.69 -24.28 -17.25
C LEU A 19 -14.83 -24.84 -18.10
N GLY A 20 -15.95 -25.14 -17.46
CA GLY A 20 -17.13 -25.59 -18.15
C GLY A 20 -17.91 -24.43 -18.75
N PRO A 21 -19.13 -24.70 -19.21
CA PRO A 21 -19.92 -23.66 -19.90
C PRO A 21 -20.19 -22.42 -19.08
N TRP A 22 -20.18 -22.50 -17.75
CA TRP A 22 -20.41 -21.30 -16.95
C TRP A 22 -19.24 -20.33 -17.02
N TYR A 23 -18.04 -20.80 -17.32
CA TYR A 23 -16.87 -19.95 -17.39
C TYR A 23 -16.28 -19.80 -18.78
N SER A 24 -16.58 -20.72 -19.71
CA SER A 24 -16.12 -20.62 -21.09
C SER A 24 -17.17 -21.29 -21.98
N ASN A 25 -18.23 -20.52 -22.26
CA ASN A 25 -19.38 -21.07 -22.97
C ASN A 25 -19.06 -21.46 -24.41
N ASP A 26 -18.07 -20.78 -25.03
CA ASP A 26 -17.68 -21.12 -26.39
C ASP A 26 -16.63 -22.21 -26.44
N GLY A 27 -16.14 -22.67 -25.28
CA GLY A 27 -15.15 -23.73 -25.23
C GLY A 27 -13.74 -23.31 -25.56
N LYS A 28 -13.49 -22.02 -25.78
CA LYS A 28 -12.17 -21.58 -26.22
C LYS A 28 -11.10 -21.78 -25.13
N TYR A 29 -11.51 -21.81 -23.86
CA TYR A 29 -10.58 -22.01 -22.74
C TYR A 29 -11.14 -23.08 -21.79
N SER A 30 -11.45 -24.24 -22.37
CA SER A 30 -12.09 -25.31 -21.58
C SER A 30 -11.10 -25.95 -20.61
N ASN A 31 -9.85 -26.11 -21.01
CA ASN A 31 -8.83 -26.78 -20.21
C ASN A 31 -7.51 -26.02 -20.35
N PRO A 32 -7.44 -24.80 -19.84
CA PRO A 32 -6.25 -23.98 -20.07
C PRO A 32 -5.12 -24.32 -19.12
N THR A 33 -3.90 -24.22 -19.65
CA THR A 33 -2.67 -24.34 -18.87
C THR A 33 -2.15 -22.93 -18.60
N ILE A 34 -1.83 -22.64 -17.34
CA ILE A 34 -1.47 -21.30 -16.92
C ILE A 34 -0.09 -21.35 -16.27
N PRO A 35 0.95 -20.96 -16.98
CA PRO A 35 2.29 -20.93 -16.37
C PRO A 35 2.36 -19.91 -15.22
N VAL A 36 3.09 -20.28 -14.18
CA VAL A 36 3.18 -19.51 -12.95
C VAL A 36 4.58 -18.96 -12.82
N TYR A 37 4.69 -17.64 -12.64
CA TYR A 37 5.98 -17.01 -12.41
C TYR A 37 5.96 -16.34 -11.04
N THR A 38 7.06 -16.48 -10.31
CA THR A 38 7.21 -15.85 -9.01
C THR A 38 7.95 -14.54 -9.19
N ILE A 39 7.22 -13.43 -9.05
CA ILE A 39 7.87 -12.12 -9.12
C ILE A 39 8.62 -11.83 -7.83
N GLN A 40 8.09 -12.28 -6.70
CA GLN A 40 8.73 -12.06 -5.41
C GLN A 40 8.19 -13.06 -4.42
N LYS A 41 9.08 -13.74 -3.69
CA LYS A 41 8.72 -14.57 -2.55
C LYS A 41 9.80 -14.38 -1.49
N THR A 42 9.63 -13.36 -0.64
CA THR A 42 10.62 -13.06 0.39
C THR A 42 10.44 -13.94 1.62
N ARG A 43 9.21 -14.34 1.93
CA ARG A 43 8.94 -15.22 3.06
C ARG A 43 7.85 -16.22 2.68
N SER A 44 7.48 -17.05 3.63
CA SER A 44 6.39 -18.01 3.42
C SER A 44 5.10 -17.27 3.09
N ASP A 45 4.29 -17.85 2.21
CA ASP A 45 3.01 -17.25 1.87
C ASP A 45 2.11 -17.09 3.10
N THR A 46 2.33 -17.90 4.14
CA THR A 46 1.56 -17.78 5.37
C THR A 46 1.90 -16.50 6.14
N GLU A 47 3.04 -15.87 5.86
CA GLU A 47 3.47 -14.68 6.57
C GLU A 47 3.39 -13.41 5.75
N ASN A 48 3.24 -13.52 4.44
CA ASN A 48 3.21 -12.37 3.55
C ASN A 48 1.82 -12.21 2.94
N MET A 49 1.60 -11.07 2.31
CA MET A 49 0.38 -10.82 1.55
C MET A 49 0.60 -11.33 0.13
N VAL A 50 -0.24 -12.26 -0.30
CA VAL A 50 -0.09 -12.90 -1.60
C VAL A 50 -0.89 -12.12 -2.63
N VAL A 51 -0.22 -11.68 -3.70
CA VAL A 51 -0.86 -10.98 -4.82
C VAL A 51 -0.74 -11.84 -6.06
N VAL A 52 -1.86 -12.06 -6.75
CA VAL A 52 -1.91 -12.86 -7.97
C VAL A 52 -2.30 -11.94 -9.11
N VAL A 53 -1.44 -11.86 -10.12
CA VAL A 53 -1.68 -11.00 -11.27
C VAL A 53 -1.83 -11.88 -12.51
N CYS A 54 -2.93 -11.68 -13.24
CA CYS A 54 -3.20 -12.37 -14.49
C CYS A 54 -3.28 -11.34 -15.61
N GLY A 55 -3.03 -11.80 -16.83
CA GLY A 55 -2.98 -10.94 -18.01
C GLY A 55 -4.20 -11.14 -18.88
N GLU A 56 -4.74 -10.04 -19.40
CA GLU A 56 -5.85 -10.06 -20.35
C GLU A 56 -5.39 -9.52 -21.69
N GLY A 57 -5.63 -10.29 -22.75
CA GLY A 57 -5.28 -9.86 -24.08
C GLY A 57 -3.84 -10.06 -24.44
N TYR A 58 -3.14 -10.99 -23.78
CA TYR A 58 -1.78 -11.38 -24.13
C TYR A 58 -1.83 -12.76 -24.75
N THR A 59 -1.33 -12.90 -25.98
CA THR A 59 -1.31 -14.23 -26.56
C THR A 59 -0.18 -15.04 -25.93
N LYS A 60 -0.16 -16.33 -26.27
CA LYS A 60 0.86 -17.23 -25.76
C LYS A 60 2.27 -16.69 -26.02
N SER A 61 2.47 -16.03 -27.16
CA SER A 61 3.77 -15.49 -27.51
C SER A 61 4.05 -14.13 -26.87
N GLN A 62 3.09 -13.57 -26.15
CA GLN A 62 3.23 -12.26 -25.52
C GLN A 62 3.41 -12.34 -24.01
N GLN A 63 3.64 -13.54 -23.46
CA GLN A 63 3.72 -13.67 -22.02
C GLN A 63 5.01 -13.07 -21.45
N GLY A 64 6.06 -12.96 -22.26
CA GLY A 64 7.23 -12.21 -21.82
C GLY A 64 6.91 -10.76 -21.57
N LYS A 65 6.14 -10.14 -22.46
CA LYS A 65 5.68 -8.77 -22.23
C LYS A 65 4.83 -8.69 -20.98
N PHE A 66 3.97 -9.67 -20.74
CA PHE A 66 3.08 -9.63 -19.57
C PHE A 66 3.88 -9.64 -18.27
N ILE A 67 4.88 -10.51 -18.18
CA ILE A 67 5.69 -10.57 -16.96
C ILE A 67 6.43 -9.26 -16.75
N ASN A 68 7.09 -8.74 -17.80
CA ASN A 68 7.78 -7.46 -17.67
C ASN A 68 6.81 -6.33 -17.31
N ASP A 69 5.59 -6.39 -17.86
CA ASP A 69 4.59 -5.37 -17.53
C ASP A 69 4.19 -5.42 -16.07
N VAL A 70 4.01 -6.63 -15.53
CA VAL A 70 3.66 -6.77 -14.12
C VAL A 70 4.78 -6.24 -13.24
N LYS A 71 6.03 -6.56 -13.59
CA LYS A 71 7.16 -6.10 -12.79
C LYS A 71 7.25 -4.58 -12.80
N ARG A 72 7.08 -3.96 -13.97
CA ARG A 72 7.08 -2.50 -14.05
C ARG A 72 6.00 -1.89 -13.15
N LEU A 73 4.76 -2.32 -13.35
CA LEU A 73 3.64 -1.76 -12.60
C LEU A 73 3.79 -2.00 -11.11
N TRP A 74 4.21 -3.21 -10.72
CA TRP A 74 4.35 -3.51 -9.29
C TRP A 74 5.46 -2.67 -8.66
N GLN A 75 6.60 -2.54 -9.33
CA GLN A 75 7.70 -1.75 -8.79
C GLN A 75 7.31 -0.29 -8.62
N ASP A 76 6.60 0.27 -9.59
CA ASP A 76 6.14 1.65 -9.45
C ASP A 76 5.10 1.80 -8.34
N ALA A 77 4.29 0.76 -8.11
CA ALA A 77 3.33 0.84 -7.01
C ALA A 77 4.04 0.82 -5.66
N MET A 78 5.09 0.02 -5.53
CA MET A 78 5.84 -0.10 -4.29
C MET A 78 6.64 1.16 -3.96
N LYS A 79 6.67 2.17 -4.84
CA LYS A 79 7.29 3.43 -4.50
C LYS A 79 6.38 4.34 -3.71
N TYR A 80 5.06 4.08 -3.72
CA TYR A 80 4.12 4.85 -2.92
C TYR A 80 4.06 4.31 -1.51
N GLU A 81 4.17 5.20 -0.52
CA GLU A 81 3.69 4.84 0.80
C GLU A 81 2.16 4.79 0.76
N PRO A 82 1.54 3.89 1.53
CA PRO A 82 2.10 2.97 2.52
C PRO A 82 2.57 1.63 1.94
N TYR A 83 2.44 1.39 0.63
CA TYR A 83 2.95 0.16 0.05
C TYR A 83 4.44 -0.01 0.30
N ARG A 84 5.21 1.06 0.15
CA ARG A 84 6.66 0.97 0.27
C ARG A 84 7.09 0.37 1.60
N SER A 85 6.39 0.72 2.68
CA SER A 85 6.78 0.22 3.99
C SER A 85 6.55 -1.27 4.12
N TYR A 86 5.77 -1.85 3.22
CA TYR A 86 5.46 -3.28 3.21
C TYR A 86 6.09 -4.00 2.02
N ALA A 87 6.98 -3.33 1.28
CA ALA A 87 7.42 -3.86 -0.02
C ALA A 87 7.99 -5.26 0.10
N ASP A 88 8.74 -5.54 1.17
CA ASP A 88 9.35 -6.85 1.33
C ASP A 88 8.42 -7.87 1.97
N ARG A 89 7.16 -7.51 2.26
CA ARG A 89 6.22 -8.41 2.88
C ARG A 89 5.10 -8.81 1.91
N PHE A 90 5.30 -8.58 0.62
CA PHE A 90 4.43 -9.11 -0.43
C PHE A 90 5.10 -10.30 -1.09
N ASN A 91 4.29 -11.30 -1.41
CA ASN A 91 4.66 -12.35 -2.35
C ASN A 91 3.80 -12.15 -3.59
N VAL A 92 4.44 -12.10 -4.76
CA VAL A 92 3.78 -11.70 -6.00
C VAL A 92 3.96 -12.79 -7.03
N TYR A 93 2.85 -13.26 -7.59
CA TYR A 93 2.87 -14.32 -8.60
C TYR A 93 2.19 -13.82 -9.85
N ALA A 94 2.82 -14.06 -11.00
CA ALA A 94 2.25 -13.73 -12.30
C ALA A 94 1.74 -15.01 -12.95
N LEU A 95 0.46 -15.03 -13.28
CA LEU A 95 -0.19 -16.19 -13.90
C LEU A 95 -0.40 -15.87 -15.37
N CYS A 96 0.29 -16.59 -16.25
CA CYS A 96 0.37 -16.26 -17.66
C CYS A 96 -0.86 -16.81 -18.40
N THR A 97 -1.99 -16.20 -18.12
CA THR A 97 -3.24 -16.54 -18.80
C THR A 97 -3.17 -16.11 -20.25
N ALA A 98 -3.30 -17.06 -21.17
CA ALA A 98 -3.14 -16.81 -22.59
C ALA A 98 -4.50 -16.56 -23.23
N SER A 99 -4.58 -15.49 -24.02
CA SER A 99 -5.74 -15.17 -24.82
C SER A 99 -5.49 -15.58 -26.27
N GLU A 100 -6.56 -16.00 -26.96
CA GLU A 100 -6.44 -16.29 -28.38
C GLU A 100 -6.06 -15.05 -29.16
N SER A 101 -6.66 -13.91 -28.82
CA SER A 101 -6.45 -12.65 -29.49
C SER A 101 -5.85 -11.63 -28.53
N THR A 102 -5.07 -10.70 -29.08
CA THR A 102 -4.69 -9.53 -28.31
C THR A 102 -5.93 -8.70 -28.00
N PHE A 103 -5.83 -7.87 -26.96
CA PHE A 103 -6.96 -7.02 -26.60
C PHE A 103 -7.28 -6.03 -27.72
N ASP A 104 -6.24 -5.39 -28.27
CA ASP A 104 -6.45 -4.37 -29.30
C ASP A 104 -7.05 -4.94 -30.58
N ASN A 105 -6.92 -6.25 -30.81
CA ASN A 105 -7.52 -6.86 -31.99
C ASN A 105 -9.00 -7.19 -31.79
N GLY A 106 -9.46 -7.28 -30.54
CA GLY A 106 -10.88 -7.39 -30.27
C GLY A 106 -11.50 -8.76 -30.45
N GLY A 107 -10.70 -9.81 -30.55
CA GLY A 107 -11.20 -11.17 -30.66
C GLY A 107 -11.41 -11.82 -29.30
N SER A 108 -11.24 -13.14 -29.26
CA SER A 108 -11.45 -13.90 -28.04
C SER A 108 -10.34 -13.65 -27.04
N THR A 109 -10.70 -13.31 -25.81
CA THR A 109 -9.74 -13.08 -24.74
C THR A 109 -10.06 -13.97 -23.55
N PHE A 110 -9.08 -14.13 -22.67
CA PHE A 110 -9.25 -15.05 -21.55
C PHE A 110 -10.34 -14.60 -20.59
N PHE A 111 -10.52 -13.28 -20.44
CA PHE A 111 -11.37 -12.74 -19.39
C PHE A 111 -12.59 -11.98 -19.91
N ASP A 112 -12.79 -11.92 -21.23
CA ASP A 112 -13.98 -11.30 -21.83
C ASP A 112 -14.16 -9.85 -21.38
N VAL A 113 -13.06 -9.13 -21.28
CA VAL A 113 -13.10 -7.75 -20.81
C VAL A 113 -13.58 -6.85 -21.96
N ILE A 114 -14.56 -5.99 -21.66
CA ILE A 114 -15.01 -4.95 -22.57
C ILE A 114 -14.96 -3.64 -21.81
N VAL A 115 -15.00 -2.53 -22.56
CA VAL A 115 -15.01 -1.19 -21.99
C VAL A 115 -16.41 -0.63 -22.20
N ASP A 116 -17.15 -0.41 -21.11
CA ASP A 116 -18.56 -0.05 -21.22
C ASP A 116 -18.70 1.43 -21.58
N LYS A 117 -19.95 1.91 -21.62
CA LYS A 117 -20.26 3.28 -21.97
C LYS A 117 -19.72 4.30 -20.95
N TYR A 118 -19.20 3.85 -19.81
CA TYR A 118 -18.65 4.74 -18.81
C TYR A 118 -17.13 4.64 -18.73
N ASN A 119 -16.48 4.16 -19.81
CA ASN A 119 -15.05 3.89 -19.84
C ASN A 119 -14.59 2.95 -18.73
N SER A 120 -15.49 2.13 -18.22
CA SER A 120 -15.11 1.19 -17.17
C SER A 120 -14.78 -0.18 -17.76
N PRO A 121 -13.69 -0.81 -17.32
CA PRO A 121 -13.40 -2.17 -17.75
C PRO A 121 -14.19 -3.18 -16.92
N VAL A 122 -14.90 -4.07 -17.61
CA VAL A 122 -15.75 -5.04 -16.93
C VAL A 122 -15.61 -6.40 -17.61
N ILE A 123 -15.56 -7.45 -16.79
CA ILE A 123 -15.67 -8.82 -17.30
C ILE A 123 -17.11 -9.02 -17.77
N SER A 124 -17.30 -9.25 -19.07
CA SER A 124 -18.64 -9.33 -19.65
C SER A 124 -19.11 -10.78 -19.65
N ASN A 125 -20.03 -11.11 -18.73
CA ASN A 125 -20.64 -12.43 -18.71
C ASN A 125 -21.42 -12.72 -19.99
N ASN A 126 -22.07 -11.71 -20.56
CA ASN A 126 -22.94 -11.93 -21.71
C ASN A 126 -22.23 -11.82 -23.04
N LEU A 127 -20.93 -11.54 -23.06
CA LEU A 127 -20.19 -11.52 -24.32
C LEU A 127 -20.34 -12.85 -25.06
N HIS A 128 -20.03 -13.96 -24.38
CA HIS A 128 -20.21 -15.29 -24.95
C HIS A 128 -21.20 -16.13 -24.18
N GLY A 129 -21.93 -15.53 -23.23
CA GLY A 129 -22.89 -16.30 -22.46
C GLY A 129 -22.28 -17.15 -21.37
N SER A 130 -21.06 -16.84 -20.95
CA SER A 130 -20.43 -17.48 -19.80
C SER A 130 -21.01 -16.81 -18.56
N GLN A 131 -21.96 -17.50 -17.91
N GLN A 131 -21.98 -17.48 -17.92
CA GLN A 131 -22.79 -16.86 -16.89
CA GLN A 131 -22.77 -16.85 -16.88
C GLN A 131 -22.04 -16.61 -15.58
C GLN A 131 -21.96 -16.51 -15.65
N TRP A 132 -20.90 -17.28 -15.36
CA TRP A 132 -20.10 -17.08 -14.16
C TRP A 132 -18.68 -16.61 -14.49
N LYS A 133 -18.51 -15.92 -15.63
CA LYS A 133 -17.18 -15.49 -16.04
C LYS A 133 -16.51 -14.63 -14.98
N ASN A 134 -17.24 -13.67 -14.41
CA ASN A 134 -16.60 -12.78 -13.44
C ASN A 134 -16.45 -13.41 -12.06
N HIS A 135 -16.76 -14.69 -11.91
CA HIS A 135 -16.43 -15.46 -10.72
C HIS A 135 -15.20 -16.34 -10.93
N ILE A 136 -14.50 -16.19 -12.05
CA ILE A 136 -13.40 -17.08 -12.39
C ILE A 136 -12.26 -17.00 -11.38
N PHE A 137 -12.04 -15.83 -10.77
CA PHE A 137 -10.89 -15.68 -9.87
C PHE A 137 -11.07 -16.48 -8.59
N GLU A 138 -12.22 -16.33 -7.92
CA GLU A 138 -12.41 -17.00 -6.64
C GLU A 138 -12.88 -18.45 -6.77
N ARG A 139 -13.44 -18.84 -7.91
CA ARG A 139 -14.00 -20.17 -8.04
C ARG A 139 -13.10 -21.14 -8.80
N CYS A 140 -12.23 -20.64 -9.68
CA CYS A 140 -11.35 -21.51 -10.47
C CYS A 140 -9.88 -21.20 -10.24
N ILE A 141 -9.42 -19.99 -10.56
CA ILE A 141 -7.99 -19.69 -10.47
C ILE A 141 -7.49 -19.76 -9.03
N GLY A 142 -8.20 -19.08 -8.12
CA GLY A 142 -7.80 -19.01 -6.74
C GLY A 142 -7.61 -20.36 -6.06
N PRO A 143 -8.65 -21.19 -6.05
CA PRO A 143 -8.53 -22.50 -5.39
C PRO A 143 -7.43 -23.38 -5.97
N GLU A 144 -7.24 -23.35 -7.30
CA GLU A 144 -6.14 -24.11 -7.88
C GLU A 144 -4.79 -23.55 -7.45
N PHE A 145 -4.66 -22.22 -7.40
CA PHE A 145 -3.42 -21.62 -6.95
C PHE A 145 -3.15 -21.95 -5.49
N ILE A 146 -4.17 -21.87 -4.64
CA ILE A 146 -3.97 -22.06 -3.22
C ILE A 146 -3.63 -23.52 -2.90
N GLU A 147 -4.14 -24.46 -3.70
CA GLU A 147 -3.81 -25.86 -3.49
C GLU A 147 -2.41 -26.19 -3.97
N LYS A 148 -2.06 -25.74 -5.17
CA LYS A 148 -0.84 -26.20 -5.82
C LYS A 148 0.38 -25.33 -5.51
N ILE A 149 0.20 -24.01 -5.37
CA ILE A 149 1.32 -23.07 -5.30
C ILE A 149 1.47 -22.47 -3.90
N HIS A 150 0.37 -21.94 -3.34
CA HIS A 150 0.39 -21.34 -2.01
C HIS A 150 0.95 -22.33 -0.98
N ASP A 151 1.83 -21.84 -0.10
CA ASP A 151 2.43 -22.70 0.91
C ASP A 151 1.40 -23.35 1.82
N ALA A 152 0.23 -22.72 1.98
CA ALA A 152 -0.81 -23.34 2.81
C ALA A 152 -1.34 -24.62 2.17
N HIS A 153 -1.35 -24.70 0.84
CA HIS A 153 -1.74 -25.91 0.11
C HIS A 153 -3.10 -26.44 0.56
N ILE A 154 -4.10 -25.57 0.57
CA ILE A 154 -5.45 -25.94 0.98
C ILE A 154 -6.11 -26.72 -0.17
N LYS A 155 -6.54 -27.94 0.12
CA LYS A 155 -7.17 -28.77 -0.90
C LYS A 155 -8.49 -28.17 -1.34
N LYS A 156 -8.74 -28.19 -2.65
CA LYS A 156 -10.02 -27.72 -3.19
C LYS A 156 -11.17 -28.47 -2.54
N LYS A 157 -12.25 -27.74 -2.26
CA LYS A 157 -13.41 -28.29 -1.56
C LYS A 157 -14.58 -28.56 -2.50
N CYS A 158 -15.10 -27.51 -3.16
N CYS A 158 -15.07 -27.51 -3.18
CA CYS A 158 -16.28 -27.62 -4.01
CA CYS A 158 -16.27 -27.60 -4.01
C CYS A 158 -15.89 -27.56 -5.48
C CYS A 158 -15.91 -27.53 -5.48
N ASP A 159 -16.57 -28.36 -6.28
CA ASP A 159 -16.36 -28.38 -7.73
C ASP A 159 -16.98 -27.12 -8.34
N PRO A 160 -16.20 -26.28 -9.03
CA PRO A 160 -16.74 -25.00 -9.52
C PRO A 160 -17.67 -25.13 -10.72
N ASN A 161 -17.70 -26.28 -11.39
CA ASN A 161 -18.59 -26.48 -12.53
C ASN A 161 -19.84 -27.27 -12.16
N THR A 162 -20.06 -27.53 -10.87
CA THR A 162 -21.12 -28.42 -10.43
C THR A 162 -22.00 -27.76 -9.36
N ILE A 163 -21.41 -26.86 -8.57
CA ILE A 163 -22.08 -26.19 -7.45
C ILE A 163 -23.44 -25.64 -7.91
N PRO A 164 -24.52 -25.98 -7.21
CA PRO A 164 -25.83 -25.43 -7.59
C PRO A 164 -26.03 -23.99 -7.15
N SER A 165 -26.98 -23.34 -7.82
CA SER A 165 -27.33 -21.95 -7.55
C SER A 165 -28.10 -21.85 -6.24
N GLY A 166 -27.56 -21.10 -5.29
CA GLY A 166 -28.19 -20.93 -3.99
C GLY A 166 -27.21 -20.47 -2.93
N SER A 167 -26.35 -21.39 -2.48
CA SER A 167 -25.27 -21.05 -1.57
C SER A 167 -23.92 -21.19 -2.27
N GLU A 168 -23.76 -20.56 -3.43
CA GLU A 168 -22.54 -20.77 -4.23
C GLU A 168 -21.38 -19.85 -3.80
N TYR A 169 -21.57 -19.09 -2.73
CA TYR A 169 -20.57 -18.10 -2.35
C TYR A 169 -19.71 -18.53 -1.17
N GLU A 170 -20.32 -19.08 -0.12
CA GLU A 170 -19.57 -19.43 1.08
C GLU A 170 -18.41 -20.40 0.83
N PRO A 171 -18.53 -21.44 0.01
CA PRO A 171 -17.40 -22.38 -0.16
C PRO A 171 -16.14 -21.73 -0.73
N TYR A 172 -16.21 -20.51 -1.24
CA TYR A 172 -15.05 -19.86 -1.85
C TYR A 172 -14.61 -18.61 -1.08
N TYR A 173 -15.13 -18.38 0.13
CA TYR A 173 -14.73 -17.22 0.92
C TYR A 173 -13.27 -17.30 1.35
N TYR A 174 -12.75 -18.52 1.56
CA TYR A 174 -11.39 -18.67 2.03
C TYR A 174 -10.36 -18.17 1.02
N VAL A 175 -10.73 -18.09 -0.26
CA VAL A 175 -9.78 -17.70 -1.30
C VAL A 175 -9.16 -16.35 -0.99
N HIS A 176 -10.00 -15.37 -0.63
CA HIS A 176 -9.53 -14.01 -0.42
C HIS A 176 -8.88 -13.81 0.95
N ASP A 177 -8.75 -14.87 1.74
CA ASP A 177 -7.93 -14.84 2.94
C ASP A 177 -6.50 -15.33 2.68
N TYR A 178 -6.34 -16.23 1.71
CA TYR A 178 -5.01 -16.70 1.32
C TYR A 178 -4.41 -15.90 0.18
N ILE A 179 -5.24 -15.29 -0.65
CA ILE A 179 -4.79 -14.42 -1.73
C ILE A 179 -5.32 -13.03 -1.41
N ALA A 180 -4.40 -12.10 -1.08
CA ALA A 180 -4.81 -10.79 -0.59
C ALA A 180 -5.42 -9.94 -1.70
N GLN A 181 -5.06 -10.18 -2.95
CA GLN A 181 -5.57 -9.35 -4.03
C GLN A 181 -5.36 -10.05 -5.36
N PHE A 182 -6.39 -10.01 -6.21
CA PHE A 182 -6.29 -10.41 -7.60
C PHE A 182 -6.16 -9.16 -8.47
N ALA A 183 -5.19 -9.17 -9.38
CA ALA A 183 -4.98 -8.04 -10.27
C ALA A 183 -4.97 -8.54 -11.71
N MET A 184 -5.64 -7.81 -12.60
CA MET A 184 -5.75 -8.17 -14.01
C MET A 184 -5.18 -7.04 -14.85
N VAL A 185 -4.10 -7.32 -15.56
CA VAL A 185 -3.43 -6.35 -16.41
C VAL A 185 -3.83 -6.61 -17.85
N VAL A 186 -4.38 -5.58 -18.50
CA VAL A 186 -4.86 -5.67 -19.87
C VAL A 186 -3.79 -5.10 -20.78
N ASN A 187 -3.39 -5.89 -21.78
CA ASN A 187 -2.41 -5.51 -22.80
C ASN A 187 -3.00 -4.45 -23.72
N THR A 188 -2.92 -3.18 -23.27
CA THR A 188 -3.53 -2.10 -24.03
C THR A 188 -2.93 -0.78 -23.57
N LYS A 189 -3.15 0.24 -24.40
CA LYS A 189 -2.73 1.60 -24.12
C LYS A 189 -3.90 2.49 -23.75
N SER A 190 -5.13 2.00 -23.88
CA SER A 190 -6.31 2.78 -23.49
C SER A 190 -6.27 3.09 -22.00
N ASP A 191 -6.71 4.28 -21.65
CA ASP A 191 -6.72 4.75 -20.27
C ASP A 191 -8.07 4.41 -19.63
N PHE A 192 -8.08 3.40 -18.77
CA PHE A 192 -9.27 3.05 -18.00
C PHE A 192 -8.83 2.41 -16.69
N GLY A 193 -9.81 2.14 -15.84
CA GLY A 193 -9.52 1.50 -14.57
C GLY A 193 -10.78 1.22 -13.77
N GLY A 194 -10.79 0.12 -13.04
CA GLY A 194 -11.94 -0.24 -12.23
C GLY A 194 -11.66 -1.34 -11.24
N ALA A 195 -12.12 -1.16 -10.01
CA ALA A 195 -11.99 -2.14 -8.95
C ALA A 195 -13.34 -2.75 -8.64
N TYR A 196 -13.34 -4.03 -8.25
CA TYR A 196 -14.57 -4.77 -7.96
C TYR A 196 -14.41 -5.46 -6.61
N ASN A 197 -14.80 -4.77 -5.55
CA ASN A 197 -14.76 -5.28 -4.17
C ASN A 197 -16.18 -5.56 -3.70
N ASN A 198 -16.53 -6.84 -3.64
CA ASN A 198 -17.81 -7.29 -3.08
C ASN A 198 -17.57 -8.72 -2.61
N ARG A 199 -16.90 -8.84 -1.46
CA ARG A 199 -16.46 -10.15 -0.99
C ARG A 199 -17.63 -11.06 -0.63
N GLU A 200 -18.76 -10.49 -0.20
CA GLU A 200 -19.92 -11.33 0.10
C GLU A 200 -20.36 -12.12 -1.12
N TYR A 201 -20.13 -11.59 -2.32
CA TYR A 201 -20.44 -12.27 -3.56
C TYR A 201 -19.20 -12.72 -4.31
N GLY A 202 -18.05 -12.76 -3.63
CA GLY A 202 -16.85 -13.36 -4.17
C GLY A 202 -15.96 -12.46 -5.00
N PHE A 203 -16.31 -11.19 -5.19
CA PHE A 203 -15.55 -10.29 -6.04
C PHE A 203 -14.45 -9.61 -5.22
N HIS A 204 -13.19 -9.83 -5.62
CA HIS A 204 -12.10 -9.00 -5.10
C HIS A 204 -10.97 -8.98 -6.14
N TYR A 205 -11.18 -8.18 -7.19
CA TYR A 205 -10.18 -8.01 -8.23
C TYR A 205 -10.31 -6.60 -8.80
N PHE A 206 -9.24 -6.13 -9.44
CA PHE A 206 -9.29 -4.91 -10.22
C PHE A 206 -8.66 -5.13 -11.58
N ILE A 207 -8.99 -4.24 -12.51
CA ILE A 207 -8.52 -4.29 -13.89
C ILE A 207 -7.85 -2.96 -14.22
N SER A 208 -6.65 -3.02 -14.77
CA SER A 208 -5.93 -1.81 -15.15
C SER A 208 -5.14 -2.09 -16.43
N PRO A 209 -4.82 -1.05 -17.20
CA PRO A 209 -4.11 -1.25 -18.47
C PRO A 209 -2.60 -1.24 -18.30
N SER A 210 -1.93 -1.92 -19.22
CA SER A 210 -0.49 -2.10 -19.13
C SER A 210 0.30 -0.89 -19.65
N ASP A 211 -0.20 -0.18 -20.66
CA ASP A 211 0.61 0.82 -21.35
C ASP A 211 -0.06 2.17 -21.52
N SER A 212 -1.12 2.45 -20.76
CA SER A 212 -1.71 3.78 -20.81
C SER A 212 -0.69 4.83 -20.36
N TYR A 213 -1.02 6.10 -20.59
CA TYR A 213 -0.11 7.18 -20.23
C TYR A 213 0.06 7.33 -18.73
N ARG A 214 -0.78 6.69 -17.92
CA ARG A 214 -0.69 6.77 -16.47
C ARG A 214 -0.86 5.38 -15.87
N ALA A 215 -0.37 4.36 -16.57
CA ALA A 215 -0.64 2.97 -16.19
C ALA A 215 -0.20 2.70 -14.75
N SER A 216 0.95 3.23 -14.33
CA SER A 216 1.47 2.92 -13.01
C SER A 216 0.65 3.59 -11.92
N LYS A 217 0.22 4.84 -12.15
CA LYS A 217 -0.61 5.53 -11.18
C LYS A 217 -1.99 4.88 -11.08
N THR A 218 -2.55 4.46 -12.21
CA THR A 218 -3.82 3.75 -12.19
C THR A 218 -3.72 2.46 -11.39
N PHE A 219 -2.62 1.72 -11.58
CA PHE A 219 -2.42 0.49 -10.83
C PHE A 219 -2.40 0.75 -9.33
N ALA A 220 -1.65 1.78 -8.90
CA ALA A 220 -1.60 2.10 -7.48
C ALA A 220 -2.95 2.61 -6.97
N HIS A 221 -3.71 3.31 -7.82
CA HIS A 221 -5.02 3.81 -7.41
C HIS A 221 -6.01 2.68 -7.19
N GLU A 222 -6.10 1.74 -8.14
CA GLU A 222 -7.06 0.65 -8.01
C GLU A 222 -6.64 -0.35 -6.94
N PHE A 223 -5.33 -0.50 -6.74
CA PHE A 223 -4.82 -1.31 -5.64
C PHE A 223 -5.22 -0.72 -4.30
N GLY A 224 -5.31 0.60 -4.21
CA GLY A 224 -5.75 1.24 -2.97
C GLY A 224 -7.22 1.04 -2.68
N HIS A 225 -8.05 0.94 -3.72
CA HIS A 225 -9.50 0.65 -3.59
C HIS A 225 -9.60 -0.82 -3.15
N GLY A 226 -8.87 -1.71 -3.82
CA GLY A 226 -8.96 -3.13 -3.59
C GLY A 226 -8.30 -3.59 -2.31
N LEU A 227 -6.99 -3.37 -2.19
CA LEU A 227 -6.29 -3.85 -1.01
C LEU A 227 -6.53 -2.94 0.20
N LEU A 228 -6.28 -1.64 0.03
CA LEU A 228 -6.34 -0.72 1.17
C LEU A 228 -7.76 -0.38 1.60
N GLY A 229 -8.76 -0.61 0.75
CA GLY A 229 -10.13 -0.33 1.13
C GLY A 229 -10.52 1.14 1.07
N LEU A 230 -9.72 1.95 0.38
CA LEU A 230 -9.97 3.39 0.32
C LEU A 230 -11.07 3.70 -0.69
N GLY A 231 -11.89 4.73 -0.37
CA GLY A 231 -12.90 5.19 -1.30
C GLY A 231 -12.38 6.30 -2.21
N ASP A 232 -13.10 6.52 -3.31
CA ASP A 232 -12.68 7.57 -4.29
C ASP A 232 -12.99 8.96 -3.71
N GLU A 233 -11.97 9.79 -3.62
CA GLU A 233 -12.13 11.14 -3.10
C GLU A 233 -12.67 12.10 -4.15
N TYR A 234 -12.99 11.58 -5.34
CA TYR A 234 -13.64 12.34 -6.40
C TYR A 234 -15.15 12.09 -6.42
N SER A 235 -15.65 11.18 -5.60
CA SER A 235 -17.06 10.84 -5.59
C SER A 235 -17.91 11.99 -5.06
N ASN A 236 -19.08 12.17 -5.66
CA ASN A 236 -20.07 13.12 -5.16
C ASN A 236 -20.91 12.44 -4.09
N GLY A 237 -22.00 13.08 -3.68
CA GLY A 237 -22.89 12.49 -2.70
C GLY A 237 -22.68 13.06 -1.31
N TYR A 238 -23.25 12.35 -0.35
CA TYR A 238 -23.37 12.87 1.02
C TYR A 238 -23.43 11.66 1.95
N LEU A 239 -22.35 11.40 2.68
CA LEU A 239 -22.29 10.26 3.59
C LEU A 239 -23.20 10.51 4.79
N LEU A 240 -24.35 9.85 4.81
CA LEU A 240 -25.17 9.83 6.01
C LEU A 240 -24.51 8.92 7.05
N ASP A 241 -25.18 8.76 8.19
CA ASP A 241 -24.72 7.81 9.19
C ASP A 241 -24.64 6.41 8.56
N ASP A 242 -24.01 5.50 9.30
CA ASP A 242 -23.67 4.17 8.82
C ASP A 242 -22.62 4.26 7.70
N LYS A 243 -22.96 4.96 6.61
CA LYS A 243 -21.96 5.23 5.58
C LYS A 243 -20.80 6.04 6.13
N GLU A 244 -21.07 6.93 7.08
CA GLU A 244 -20.01 7.70 7.71
C GLU A 244 -19.03 6.80 8.44
N LEU A 245 -19.56 5.84 9.20
CA LEU A 245 -18.71 4.92 9.96
C LEU A 245 -18.00 3.93 9.05
N LYS A 246 -18.61 3.60 7.90
CA LYS A 246 -18.05 2.58 7.02
C LYS A 246 -16.83 3.08 6.28
N SER A 247 -16.79 4.37 5.92
CA SER A 247 -15.75 4.88 5.02
C SER A 247 -14.46 5.19 5.76
N LEU A 248 -13.34 4.75 5.17
CA LEU A 248 -12.04 4.91 5.83
C LEU A 248 -11.46 6.32 5.64
N ASN A 249 -11.69 6.94 4.48
CA ASN A 249 -11.00 8.18 4.14
C ASN A 249 -11.94 9.31 3.73
N LEU A 250 -13.25 9.10 3.78
CA LEU A 250 -14.22 10.11 3.40
C LEU A 250 -15.11 10.42 4.60
N SER A 251 -15.70 11.61 4.61
CA SER A 251 -16.58 11.99 5.70
C SER A 251 -17.52 13.08 5.21
N SER A 252 -18.62 13.25 5.95
CA SER A 252 -19.53 14.37 5.74
C SER A 252 -19.76 15.16 7.02
N VAL A 253 -19.01 14.88 8.08
CA VAL A 253 -19.13 15.57 9.36
C VAL A 253 -18.37 16.89 9.28
N GLU A 254 -19.08 18.01 9.50
CA GLU A 254 -18.52 19.33 9.29
C GLU A 254 -17.90 19.96 10.54
N ASP A 255 -18.21 19.44 11.73
CA ASP A 255 -17.62 19.98 12.94
C ASP A 255 -16.24 19.38 13.15
N PRO A 256 -15.16 20.17 13.13
CA PRO A 256 -13.82 19.59 13.30
C PRO A 256 -13.62 18.88 14.62
N GLU A 257 -14.43 19.18 15.64
CA GLU A 257 -14.34 18.45 16.91
C GLU A 257 -14.95 17.06 16.83
N LYS A 258 -15.71 16.74 15.77
CA LYS A 258 -16.32 15.44 15.63
C LYS A 258 -15.84 14.67 14.40
N ILE A 259 -15.10 15.31 13.49
CA ILE A 259 -14.56 14.61 12.32
C ILE A 259 -13.72 13.43 12.78
N LYS A 260 -13.84 12.31 12.07
CA LYS A 260 -13.14 11.09 12.49
C LYS A 260 -11.64 11.29 12.56
N TRP A 261 -11.07 12.10 11.66
CA TRP A 261 -9.63 12.32 11.62
C TRP A 261 -9.21 13.62 12.31
N ARG A 262 -9.87 13.99 13.41
CA ARG A 262 -9.54 15.24 14.09
C ARG A 262 -8.09 15.25 14.58
N GLN A 263 -7.59 14.09 15.01
CA GLN A 263 -6.24 14.04 15.55
C GLN A 263 -5.18 14.35 14.49
N LEU A 264 -5.51 14.19 13.21
CA LEU A 264 -4.56 14.45 12.13
C LEU A 264 -4.62 15.88 11.62
N LEU A 265 -5.64 16.64 12.01
CA LEU A 265 -5.78 18.00 11.51
C LEU A 265 -4.55 18.82 11.84
N GLY A 266 -4.07 19.59 10.86
CA GLY A 266 -2.89 20.39 11.03
C GLY A 266 -1.58 19.63 10.90
N PHE A 267 -1.62 18.33 10.67
CA PHE A 267 -0.44 17.53 10.44
C PHE A 267 -0.20 17.43 8.95
N ARG A 268 0.94 17.93 8.48
CA ARG A 268 1.25 18.02 7.05
C ARG A 268 0.07 18.63 6.31
N ASN A 269 -0.29 18.08 5.15
CA ASN A 269 -1.37 18.64 4.35
C ASN A 269 -2.74 18.09 4.73
N THR A 270 -3.02 17.91 6.02
CA THR A 270 -4.34 17.44 6.47
C THR A 270 -5.17 18.65 6.91
N TYR A 271 -6.11 19.03 6.06
CA TYR A 271 -7.06 20.10 6.34
C TYR A 271 -8.36 19.71 5.66
N THR A 272 -9.38 19.37 6.44
CA THR A 272 -10.63 18.89 5.87
C THR A 272 -11.21 19.91 4.90
N CYS A 273 -11.71 19.42 3.78
CA CYS A 273 -12.34 20.29 2.79
C CYS A 273 -13.25 19.45 1.91
N ARG A 274 -14.15 20.13 1.22
CA ARG A 274 -15.04 19.47 0.27
C ARG A 274 -14.25 19.05 -0.96
N ASN A 275 -14.63 17.93 -1.56
CA ASN A 275 -13.90 17.45 -2.72
C ASN A 275 -14.24 18.19 -4.00
N ALA A 276 -15.20 19.11 -3.96
CA ALA A 276 -15.56 19.97 -5.09
C ALA A 276 -16.43 21.09 -4.56
N TYR A 277 -16.57 22.14 -5.38
CA TYR A 277 -17.38 23.30 -4.99
C TYR A 277 -18.83 22.87 -4.76
N GLY A 278 -19.32 23.14 -3.56
CA GLY A 278 -20.70 22.82 -3.22
C GLY A 278 -20.96 21.37 -2.91
N SER A 279 -19.91 20.59 -2.61
CA SER A 279 -20.06 19.18 -2.33
C SER A 279 -20.19 18.93 -0.83
N LYS A 280 -21.00 17.95 -0.48
CA LYS A 280 -21.16 17.53 0.91
C LYS A 280 -20.27 16.35 1.26
N MET A 281 -19.48 15.86 0.30
CA MET A 281 -18.48 14.84 0.55
C MET A 281 -17.16 15.53 0.91
N LEU A 282 -16.66 15.26 2.10
CA LEU A 282 -15.44 15.90 2.59
C LEU A 282 -14.26 14.93 2.53
N VAL A 283 -13.08 15.49 2.31
CA VAL A 283 -11.84 14.73 2.26
C VAL A 283 -10.84 15.39 3.20
N SER A 284 -9.90 14.60 3.72
CA SER A 284 -8.93 15.14 4.67
C SER A 284 -7.85 15.97 3.99
N SER A 285 -7.84 16.04 2.67
CA SER A 285 -6.81 16.73 1.91
C SER A 285 -7.25 16.81 0.45
N TYR A 286 -6.98 17.92 -0.20
CA TYR A 286 -7.34 18.11 -1.60
C TYR A 286 -6.30 17.55 -2.57
N GLU A 287 -5.19 17.01 -2.05
CA GLU A 287 -4.12 16.46 -2.87
C GLU A 287 -3.90 15.01 -2.44
N CYS A 288 -4.66 14.10 -3.04
CA CYS A 288 -4.51 12.68 -2.77
C CYS A 288 -4.75 11.89 -4.04
N ILE A 289 -4.01 10.77 -4.17
CA ILE A 289 -4.09 9.96 -5.37
C ILE A 289 -5.48 9.40 -5.60
N MET A 290 -6.26 9.23 -4.51
CA MET A 290 -7.61 8.71 -4.63
C MET A 290 -8.58 9.74 -5.19
N ARG A 291 -8.16 10.98 -5.39
CA ARG A 291 -8.92 11.99 -6.09
C ARG A 291 -8.35 12.31 -7.45
N ASP A 292 -7.02 12.46 -7.52
CA ASP A 292 -6.31 12.80 -8.75
C ASP A 292 -5.06 11.92 -8.80
N THR A 293 -4.93 11.12 -9.86
CA THR A 293 -3.85 10.13 -9.93
C THR A 293 -2.47 10.76 -9.99
N ASN A 294 -2.36 12.08 -10.10
CA ASN A 294 -1.05 12.73 -10.15
C ASN A 294 -0.46 13.00 -8.77
N TYR A 295 -1.22 12.76 -7.70
CA TYR A 295 -0.75 13.02 -6.35
C TYR A 295 -0.30 11.72 -5.67
N GLN A 296 0.16 11.86 -4.43
CA GLN A 296 0.51 10.75 -3.57
C GLN A 296 -0.67 10.43 -2.65
N PHE A 297 -0.52 9.42 -1.81
CA PHE A 297 -1.57 9.11 -0.83
C PHE A 297 -1.54 10.14 0.28
N CYS A 298 -2.71 10.66 0.64
CA CYS A 298 -2.79 11.61 1.75
C CYS A 298 -2.47 10.92 3.07
N GLU A 299 -2.37 11.71 4.13
CA GLU A 299 -1.95 11.15 5.41
C GLU A 299 -2.99 10.18 5.96
N VAL A 300 -4.28 10.46 5.74
CA VAL A 300 -5.32 9.55 6.22
C VAL A 300 -5.26 8.23 5.47
N CYS A 301 -5.17 8.29 4.14
CA CYS A 301 -5.06 7.08 3.34
C CYS A 301 -3.80 6.28 3.70
N ARG A 302 -2.70 6.97 3.99
CA ARG A 302 -1.49 6.27 4.43
C ARG A 302 -1.71 5.58 5.76
N LEU A 303 -2.34 6.28 6.71
CA LEU A 303 -2.65 5.68 8.01
C LEU A 303 -3.61 4.50 7.86
N GLN A 304 -4.75 4.73 7.20
CA GLN A 304 -5.74 3.67 7.04
C GLN A 304 -5.18 2.49 6.25
N GLY A 305 -4.46 2.77 5.16
CA GLY A 305 -3.86 1.70 4.38
C GLY A 305 -2.85 0.91 5.17
N PHE A 306 -2.01 1.60 5.94
CA PHE A 306 -1.02 0.92 6.78
C PHE A 306 -1.72 0.00 7.79
N LYS A 307 -2.76 0.51 8.44
CA LYS A 307 -3.54 -0.30 9.38
C LYS A 307 -4.14 -1.53 8.70
N ARG A 308 -4.72 -1.33 7.51
CA ARG A 308 -5.34 -2.46 6.80
C ARG A 308 -4.31 -3.54 6.52
N MET A 309 -3.11 -3.14 6.07
CA MET A 309 -2.11 -4.11 5.67
C MET A 309 -1.50 -4.81 6.88
N SER A 310 -1.49 -4.14 8.04
CA SER A 310 -1.01 -4.75 9.26
C SER A 310 -1.86 -5.94 9.68
N GLN A 311 -3.14 -5.97 9.26
CA GLN A 311 -4.01 -7.09 9.57
C GLN A 311 -3.60 -8.36 8.83
N LEU A 312 -2.88 -8.25 7.72
CA LEU A 312 -2.56 -9.40 6.89
C LEU A 312 -1.17 -9.96 7.15
N VAL A 313 -0.38 -9.29 7.98
CA VAL A 313 0.92 -9.78 8.42
C VAL A 313 0.88 -9.86 9.94
N LYS A 314 1.91 -10.45 10.53
CA LYS A 314 1.93 -10.67 11.97
C LYS A 314 3.11 -10.02 12.68
N ASP A 315 3.91 -9.22 11.98
CA ASP A 315 5.14 -8.70 12.58
C ASP A 315 5.29 -7.19 12.43
N VAL A 316 4.20 -6.46 12.24
CA VAL A 316 4.21 -5.00 12.20
C VAL A 316 3.45 -4.50 13.42
N ASP A 317 4.14 -3.75 14.28
CA ASP A 317 3.55 -3.35 15.56
C ASP A 317 3.36 -1.85 15.74
N LEU A 318 3.80 -1.02 14.79
CA LEU A 318 3.72 0.42 15.01
C LEU A 318 3.80 1.17 13.68
N TYR A 319 2.99 2.22 13.56
CA TYR A 319 3.04 3.18 12.48
C TYR A 319 3.50 4.52 13.04
N VAL A 320 4.54 5.08 12.43
CA VAL A 320 5.08 6.39 12.80
C VAL A 320 5.08 7.22 11.53
N ALA A 321 4.12 8.12 11.38
CA ALA A 321 4.14 9.00 10.21
C ALA A 321 5.38 9.89 10.27
N THR A 322 5.82 10.37 9.11
CA THR A 322 7.03 11.16 9.04
C THR A 322 6.83 12.47 9.79
N PRO A 323 7.56 12.72 10.87
CA PRO A 323 7.32 13.94 11.65
C PRO A 323 7.64 15.19 10.85
N GLU A 324 7.14 16.31 11.35
CA GLU A 324 7.40 17.61 10.75
C GLU A 324 7.69 18.62 11.86
N VAL A 325 8.48 19.64 11.52
CA VAL A 325 8.83 20.71 12.44
C VAL A 325 8.35 22.02 11.83
N LYS A 326 7.61 22.80 12.61
CA LYS A 326 7.07 24.08 12.17
C LYS A 326 7.25 25.11 13.27
N GLU A 327 7.39 26.36 12.87
CA GLU A 327 7.34 27.46 13.81
C GLU A 327 5.93 27.54 14.41
N TYR A 328 5.85 27.49 15.73
CA TYR A 328 4.57 27.49 16.43
C TYR A 328 4.10 28.92 16.61
N THR A 329 3.03 29.30 15.90
CA THR A 329 2.49 30.65 15.96
C THR A 329 1.10 30.71 16.56
N GLY A 330 0.53 29.57 16.94
CA GLY A 330 -0.87 29.49 17.33
C GLY A 330 -1.83 29.27 16.18
N ALA A 331 -1.39 29.51 14.94
CA ALA A 331 -2.26 29.30 13.79
C ALA A 331 -2.49 27.81 13.57
N TYR A 332 -3.76 27.46 13.28
CA TYR A 332 -4.16 26.09 13.01
C TYR A 332 -3.78 25.15 14.17
N SER A 333 -3.96 25.64 15.39
CA SER A 333 -3.61 24.87 16.58
C SER A 333 -4.81 24.36 17.36
N LYS A 334 -6.00 24.85 17.09
CA LYS A 334 -7.22 24.44 17.77
C LYS A 334 -8.29 24.08 16.75
N PRO A 335 -9.25 23.24 17.13
CA PRO A 335 -10.29 22.81 16.16
C PRO A 335 -11.02 23.96 15.49
N SER A 336 -11.20 25.09 16.17
CA SER A 336 -11.93 26.20 15.58
C SER A 336 -11.23 26.76 14.34
N ASP A 337 -9.91 26.58 14.24
CA ASP A 337 -9.17 27.05 13.07
C ASP A 337 -9.47 26.23 11.81
N PHE A 338 -10.24 25.15 11.92
CA PHE A 338 -10.50 24.25 10.79
C PHE A 338 -11.96 24.23 10.37
N THR A 339 -12.74 25.23 10.79
CA THR A 339 -14.18 25.20 10.55
C THR A 339 -14.52 25.50 9.09
N ASP A 340 -13.67 26.22 8.37
CA ASP A 340 -13.93 26.54 6.97
C ASP A 340 -13.48 25.37 6.10
N LEU A 341 -14.42 24.79 5.35
CA LEU A 341 -14.17 23.58 4.59
C LEU A 341 -14.03 23.83 3.09
N GLU A 342 -13.79 25.07 2.68
CA GLU A 342 -13.65 25.38 1.27
C GLU A 342 -12.22 25.14 0.81
N THR A 343 -12.07 24.85 -0.49
CA THR A 343 -10.74 24.57 -1.04
C THR A 343 -9.81 25.76 -0.88
N SER A 344 -10.35 26.98 -0.80
CA SER A 344 -9.53 28.14 -0.52
C SER A 344 -8.87 28.03 0.85
N SER A 345 -9.64 27.57 1.84
CA SER A 345 -9.11 27.41 3.19
C SER A 345 -8.02 26.35 3.23
N TYR A 346 -8.19 25.26 2.47
CA TYR A 346 -7.16 24.22 2.42
C TYR A 346 -5.84 24.79 1.89
N TYR A 347 -5.90 25.48 0.75
CA TYR A 347 -4.68 25.98 0.14
C TYR A 347 -4.05 27.10 0.97
N ASN A 348 -4.87 27.93 1.61
CA ASN A 348 -4.33 28.90 2.57
C ASN A 348 -3.63 28.20 3.72
N TYR A 349 -4.16 27.06 4.16
CA TYR A 349 -3.50 26.28 5.20
C TYR A 349 -2.14 25.78 4.73
N THR A 350 -2.09 25.21 3.53
CA THR A 350 -0.83 24.67 3.01
C THR A 350 0.21 25.76 2.81
N TYR A 351 -0.24 26.98 2.47
CA TYR A 351 0.70 28.09 2.34
C TYR A 351 1.20 28.52 3.71
N ASN A 352 0.32 28.52 4.72
CA ASN A 352 0.77 28.84 6.08
C ASN A 352 1.78 27.82 6.57
N ARG A 353 1.53 26.53 6.30
CA ARG A 353 2.47 25.49 6.71
C ARG A 353 3.83 25.68 6.05
N ASN A 354 3.84 25.98 4.74
CA ASN A 354 5.09 26.17 4.03
C ASN A 354 5.86 27.38 4.57
N ASP A 355 5.13 28.43 4.94
CA ASP A 355 5.78 29.61 5.51
C ASP A 355 6.44 29.31 6.85
N ARG A 356 5.93 28.31 7.59
CA ARG A 356 6.45 27.97 8.90
C ARG A 356 7.27 26.70 8.93
N LEU A 357 7.38 25.99 7.81
CA LEU A 357 8.01 24.67 7.79
C LEU A 357 9.52 24.78 8.02
N LEU A 358 10.03 23.88 8.87
CA LEU A 358 11.46 23.85 9.19
C LEU A 358 12.03 22.44 9.09
N SER A 359 11.41 21.57 8.31
CA SER A 359 11.83 20.18 8.22
C SER A 359 11.75 19.73 6.76
N GLY A 360 12.40 18.59 6.48
CA GLY A 360 12.40 18.08 5.12
C GLY A 360 13.22 18.99 4.22
N ASN A 361 12.66 19.31 3.05
CA ASN A 361 13.33 20.24 2.15
C ASN A 361 13.25 21.69 2.63
N SER A 362 12.55 21.96 3.73
CA SER A 362 12.49 23.30 4.29
C SER A 362 13.36 23.43 5.54
N LYS A 363 14.16 22.40 5.85
CA LYS A 363 15.07 22.49 6.98
C LYS A 363 16.00 23.70 6.88
N SER A 364 16.30 24.13 5.64
CA SER A 364 17.17 25.28 5.39
C SER A 364 16.53 26.59 5.78
N ARG A 365 15.22 26.63 6.03
CA ARG A 365 14.54 27.87 6.37
C ARG A 365 14.88 28.38 7.76
N PHE A 366 15.50 27.55 8.61
CA PHE A 366 15.92 28.01 9.92
C PHE A 366 16.95 29.12 9.77
N ASN A 367 16.84 30.15 10.62
CA ASN A 367 17.74 31.29 10.57
C ASN A 367 17.95 31.82 11.99
N THR A 368 18.86 32.80 12.10
CA THR A 368 19.21 33.36 13.41
C THR A 368 18.10 34.20 14.01
N ASN A 369 17.09 34.59 13.23
CA ASN A 369 15.92 35.31 13.74
C ASN A 369 14.97 34.42 14.52
N MET A 370 15.28 33.14 14.67
CA MET A 370 14.40 32.21 15.39
C MET A 370 14.51 32.33 16.90
N ASN A 371 15.40 33.19 17.42
CA ASN A 371 15.55 33.32 18.86
C ASN A 371 14.27 33.83 19.49
N GLY A 372 13.94 33.28 20.66
CA GLY A 372 12.70 33.63 21.32
C GLY A 372 11.45 33.07 20.68
N LYS A 373 11.57 32.29 19.61
CA LYS A 373 10.42 31.74 18.93
C LYS A 373 10.18 30.31 19.38
N LYS A 374 8.95 29.85 19.18
CA LYS A 374 8.53 28.50 19.52
C LYS A 374 8.51 27.63 18.27
N ILE A 375 8.99 26.40 18.40
CA ILE A 375 8.92 25.41 17.33
C ILE A 375 8.14 24.21 17.85
N GLU A 376 7.46 23.52 16.93
CA GLU A 376 6.66 22.34 17.25
C GLU A 376 7.10 21.17 16.39
N LEU A 377 7.44 20.06 17.04
CA LEU A 377 7.65 18.78 16.38
C LEU A 377 6.36 17.98 16.48
N ARG A 378 5.85 17.54 15.33
CA ARG A 378 4.56 16.86 15.35
C ARG A 378 4.57 15.65 14.44
N THR A 379 3.93 14.59 14.90
CA THR A 379 3.68 13.42 14.08
C THR A 379 2.43 12.71 14.58
N VAL A 380 2.04 11.68 13.84
CA VAL A 380 0.90 10.83 14.16
C VAL A 380 1.42 9.42 14.31
N ILE A 381 1.06 8.77 15.40
CA ILE A 381 1.53 7.42 15.70
C ILE A 381 0.34 6.52 15.94
N GLN A 382 0.30 5.38 15.24
CA GLN A 382 -0.75 4.39 15.41
C GLN A 382 -0.13 3.12 15.98
N ASN A 383 -0.61 2.72 17.16
CA ASN A 383 -0.24 1.43 17.71
C ASN A 383 -0.94 0.32 16.93
N ILE A 384 -0.21 -0.73 16.59
CA ILE A 384 -0.81 -1.88 15.92
C ILE A 384 -1.15 -2.99 16.91
N SER A 385 -0.51 -3.01 18.07
CA SER A 385 -0.82 -4.02 19.08
C SER A 385 -2.16 -3.72 19.74
N ASP A 386 -3.02 -4.73 19.79
CA ASP A 386 -4.21 -4.68 20.62
C ASP A 386 -3.93 -5.12 22.05
N LYS A 387 -2.66 -5.18 22.44
CA LYS A 387 -2.28 -5.81 23.70
C LYS A 387 -1.30 -4.93 24.48
N ASN A 388 -0.25 -4.45 23.82
CA ASN A 388 0.84 -3.74 24.48
C ASN A 388 0.75 -2.25 24.21
N ALA A 389 0.56 -1.46 25.27
CA ALA A 389 0.70 -0.01 25.16
C ALA A 389 2.16 0.36 24.92
N ARG A 390 2.38 1.50 24.26
CA ARG A 390 3.71 1.91 23.89
C ARG A 390 4.05 3.26 24.53
N GLN A 391 5.36 3.48 24.64
CA GLN A 391 5.86 4.77 25.15
C GLN A 391 7.02 5.18 24.23
N LEU A 392 6.88 6.30 23.54
CA LEU A 392 7.89 6.79 22.61
C LEU A 392 8.43 8.12 23.09
N LYS A 393 9.73 8.29 22.95
CA LYS A 393 10.42 9.49 23.38
C LYS A 393 10.77 10.35 22.16
N PHE A 394 10.35 11.60 22.18
CA PHE A 394 10.70 12.57 21.17
C PHE A 394 11.82 13.43 21.73
N LYS A 395 12.92 13.53 20.99
CA LYS A 395 14.00 14.46 21.31
C LYS A 395 14.14 15.44 20.16
N MET A 396 14.26 16.72 20.49
CA MET A 396 14.46 17.75 19.49
C MET A 396 15.54 18.69 19.98
N TRP A 397 16.38 19.17 19.07
CA TRP A 397 17.45 20.09 19.46
C TRP A 397 17.88 20.92 18.26
N ILE A 398 18.48 22.06 18.56
CA ILE A 398 19.06 22.92 17.52
C ILE A 398 20.49 22.47 17.28
N LYS A 399 20.80 22.19 16.01
CA LYS A 399 22.09 21.63 15.62
C LYS A 399 22.83 22.62 14.74
N HIS A 400 24.10 22.84 15.03
CA HIS A 400 24.93 23.66 14.15
C HIS A 400 25.26 22.87 12.87
N SER A 401 25.75 23.60 11.87
CA SER A 401 26.11 22.98 10.59
C SER A 401 27.13 21.86 10.76
N ASP A 402 28.02 21.98 11.74
CA ASP A 402 29.07 20.97 11.93
C ASP A 402 28.61 19.77 12.76
N GLY A 403 27.35 19.75 13.20
CA GLY A 403 26.84 18.65 13.99
C GLY A 403 26.82 18.86 15.48
N SER A 404 27.32 19.99 15.97
CA SER A 404 27.31 20.25 17.40
C SER A 404 25.97 20.82 17.86
N VAL A 405 25.61 20.52 19.10
CA VAL A 405 24.36 21.01 19.68
C VAL A 405 24.53 22.47 20.08
N ALA A 406 23.67 23.33 19.56
CA ALA A 406 23.71 24.74 19.91
C ALA A 406 23.33 24.94 21.38
N THR A 407 23.72 26.08 21.93
CA THR A 407 23.53 26.38 23.35
C THR A 407 22.99 27.78 23.51
N ASP A 408 22.48 28.06 24.71
CA ASP A 408 22.09 29.42 25.08
C ASP A 408 23.31 30.13 25.67
N SER A 409 23.07 31.28 26.32
CA SER A 409 24.17 32.07 26.84
C SER A 409 24.83 31.44 28.06
N SER A 410 24.18 30.48 28.71
CA SER A 410 24.73 29.81 29.87
C SER A 410 25.45 28.51 29.51
N GLY A 411 25.55 28.18 28.23
CA GLY A 411 26.12 26.92 27.80
C GLY A 411 25.18 25.75 27.88
N ASN A 412 23.91 25.97 28.24
CA ASN A 412 22.92 24.91 28.30
C ASN A 412 22.51 24.51 26.88
N PRO A 413 22.52 23.23 26.53
CA PRO A 413 22.15 22.83 25.17
C PRO A 413 20.68 23.12 24.86
N LEU A 414 20.43 23.59 23.64
CA LEU A 414 19.08 23.88 23.18
C LEU A 414 18.44 22.56 22.76
N GLN A 415 17.99 21.83 23.77
CA GLN A 415 17.38 20.51 23.53
C GLN A 415 16.15 20.36 24.43
N THR A 416 15.22 19.51 24.02
CA THR A 416 14.03 19.23 24.79
C THR A 416 13.57 17.82 24.48
N VAL A 417 12.95 17.17 25.46
CA VAL A 417 12.57 15.77 25.38
C VAL A 417 11.16 15.63 25.94
N GLN A 418 10.36 14.76 25.33
CA GLN A 418 9.03 14.46 25.84
C GLN A 418 8.63 13.05 25.42
N THR A 419 8.15 12.27 26.38
CA THR A 419 7.67 10.92 26.14
C THR A 419 6.15 10.90 26.01
N PHE A 420 5.65 10.17 25.03
CA PHE A 420 4.24 10.06 24.73
C PHE A 420 3.77 8.62 24.91
N ASP A 421 2.58 8.46 25.47
CA ASP A 421 1.97 7.16 25.67
C ASP A 421 1.05 6.85 24.50
N ILE A 422 1.32 5.74 23.80
CA ILE A 422 0.53 5.31 22.66
C ILE A 422 -0.43 4.23 23.14
N PRO A 423 -1.74 4.48 23.18
CA PRO A 423 -2.66 3.49 23.73
C PRO A 423 -2.83 2.30 22.79
N VAL A 424 -3.39 1.22 23.34
CA VAL A 424 -3.54 0.01 22.53
C VAL A 424 -4.68 0.19 21.53
N TRP A 425 -4.63 -0.64 20.48
CA TRP A 425 -5.66 -0.64 19.43
C TRP A 425 -6.78 -1.60 19.83
N ASN A 426 -7.66 -1.13 20.73
CA ASN A 426 -8.72 -1.98 21.24
C ASN A 426 -9.70 -2.38 20.13
N ASP A 427 -9.96 -1.49 19.18
CA ASP A 427 -10.93 -1.72 18.12
C ASP A 427 -10.37 -2.53 16.95
N LYS A 428 -9.22 -3.19 17.14
CA LYS A 428 -8.51 -3.83 16.04
C LYS A 428 -9.39 -4.83 15.30
N ALA A 429 -10.15 -5.65 16.03
CA ALA A 429 -10.93 -6.72 15.41
C ALA A 429 -12.01 -6.18 14.47
N ASN A 430 -12.36 -4.90 14.56
CA ASN A 430 -13.38 -4.32 13.70
C ASN A 430 -12.83 -3.70 12.42
N PHE A 431 -11.52 -3.70 12.22
CA PHE A 431 -10.89 -2.98 11.10
C PHE A 431 -10.29 -3.96 10.09
N TRP A 432 -11.12 -4.46 9.18
CA TRP A 432 -10.75 -5.40 8.12
C TRP A 432 -9.82 -6.51 8.59
N PRO A 433 -10.14 -7.24 9.65
CA PRO A 433 -9.30 -8.37 10.03
C PRO A 433 -9.31 -9.44 8.95
N LEU A 434 -8.35 -10.35 9.03
CA LEU A 434 -8.28 -11.44 8.07
C LEU A 434 -9.53 -12.32 8.20
N GLY A 435 -10.24 -12.48 7.07
CA GLY A 435 -11.46 -13.24 7.03
C GLY A 435 -12.72 -12.41 6.96
N ALA A 436 -12.61 -11.10 7.16
CA ALA A 436 -13.78 -10.24 7.10
C ALA A 436 -14.31 -10.17 5.68
N LEU A 437 -15.63 -10.04 5.56
CA LEU A 437 -16.26 -9.82 4.27
C LEU A 437 -16.49 -8.36 3.97
N ASP A 438 -16.55 -7.51 5.00
CA ASP A 438 -16.70 -6.08 4.82
C ASP A 438 -16.26 -5.39 6.10
N HIS A 439 -16.26 -4.06 6.03
CA HIS A 439 -16.01 -3.21 7.19
C HIS A 439 -17.26 -2.40 7.44
N ILE A 440 -17.75 -2.41 8.68
CA ILE A 440 -18.99 -1.72 9.04
C ILE A 440 -18.69 -0.46 9.85
N LYS A 441 -17.97 -0.60 10.96
CA LYS A 441 -17.68 0.54 11.81
C LYS A 441 -16.33 0.33 12.49
N SER A 442 -15.61 1.42 12.68
CA SER A 442 -14.39 1.36 13.46
C SER A 442 -14.21 2.69 14.18
N ASP A 443 -13.47 2.64 15.28
CA ASP A 443 -13.09 3.83 16.03
C ASP A 443 -11.78 4.34 15.45
N PHE A 444 -11.85 5.46 14.71
CA PHE A 444 -10.67 6.02 14.07
C PHE A 444 -9.57 6.32 15.08
N ASN A 445 -9.93 6.72 16.30
CA ASN A 445 -8.94 7.14 17.28
C ASN A 445 -8.44 6.00 18.16
N SER A 446 -8.90 4.78 17.95
CA SER A 446 -8.41 3.67 18.75
C SER A 446 -6.97 3.35 18.38
N GLY A 447 -6.07 3.43 19.37
CA GLY A 447 -4.66 3.22 19.12
C GLY A 447 -3.96 4.36 18.42
N LEU A 448 -4.63 5.49 18.25
CA LEU A 448 -4.11 6.64 17.53
C LEU A 448 -3.75 7.75 18.50
N LYS A 449 -2.60 8.38 18.28
CA LYS A 449 -2.21 9.51 19.11
C LYS A 449 -1.40 10.50 18.28
N SER A 450 -1.93 11.71 18.14
CA SER A 450 -1.13 12.83 17.64
C SER A 450 -0.22 13.30 18.75
N CYS A 451 1.08 13.39 18.45
CA CYS A 451 2.10 13.79 19.39
C CYS A 451 2.69 15.12 18.95
N SER A 452 2.64 16.12 19.83
CA SER A 452 3.16 17.45 19.54
C SER A 452 4.09 17.85 20.69
N LEU A 453 5.34 18.19 20.34
CA LEU A 453 6.34 18.66 21.30
C LEU A 453 6.70 20.08 20.91
N ILE A 454 6.33 21.04 21.76
CA ILE A 454 6.58 22.45 21.50
C ILE A 454 7.77 22.88 22.32
N TYR A 455 8.74 23.54 21.68
CA TYR A 455 9.96 23.98 22.33
C TYR A 455 10.10 25.48 22.17
N GLN A 456 10.24 26.17 23.30
CA GLN A 456 10.49 27.61 23.31
C GLN A 456 12.00 27.83 23.20
N ILE A 457 12.45 28.33 22.05
CA ILE A 457 13.85 28.70 21.89
C ILE A 457 14.14 29.91 22.76
N PRO A 458 15.08 29.81 23.70
CA PRO A 458 15.41 30.96 24.55
C PRO A 458 15.79 32.18 23.74
N SER A 459 15.53 33.37 24.30
CA SER A 459 15.85 34.61 23.59
C SER A 459 17.35 34.80 23.44
N ASP A 460 18.14 34.28 24.38
CA ASP A 460 19.60 34.39 24.33
C ASP A 460 20.24 33.23 23.57
N ALA A 461 19.50 32.57 22.68
CA ALA A 461 20.03 31.42 21.97
C ALA A 461 21.18 31.82 21.06
N GLN A 462 22.31 31.12 21.19
CA GLN A 462 23.51 31.43 20.42
C GLN A 462 23.40 30.73 19.06
N LEU A 463 22.57 31.31 18.20
CA LEU A 463 22.33 30.75 16.87
C LEU A 463 23.36 31.26 15.87
N LYS A 464 23.68 30.41 14.90
CA LYS A 464 24.54 30.78 13.78
C LYS A 464 23.83 30.45 12.48
N SER A 465 24.30 31.06 11.39
CA SER A 465 23.80 30.72 10.07
C SER A 465 24.06 29.23 9.80
N GLY A 466 23.09 28.59 9.15
CA GLY A 466 23.18 27.17 8.87
C GLY A 466 22.72 26.26 9.98
N ASP A 467 22.26 26.81 11.11
CA ASP A 467 21.66 25.97 12.14
C ASP A 467 20.39 25.33 11.62
N THR A 468 20.08 24.13 12.13
CA THR A 468 18.91 23.39 11.69
C THR A 468 18.27 22.71 12.88
N VAL A 469 16.98 22.44 12.78
CA VAL A 469 16.28 21.67 13.81
C VAL A 469 16.54 20.19 13.54
N ALA A 470 17.10 19.50 14.53
CA ALA A 470 17.26 18.07 14.52
C ALA A 470 16.26 17.44 15.48
N PHE A 471 15.84 16.21 15.19
CA PHE A 471 14.94 15.52 16.09
C PHE A 471 15.11 14.01 15.92
N GLN A 472 14.63 13.29 16.93
CA GLN A 472 14.60 11.83 16.92
C GLN A 472 13.32 11.35 17.57
N VAL A 473 12.72 10.32 17.00
CA VAL A 473 11.60 9.60 17.61
C VAL A 473 12.14 8.22 17.96
N LEU A 474 12.20 7.92 19.26
CA LEU A 474 12.86 6.72 19.76
C LEU A 474 11.87 5.79 20.43
N ASP A 475 12.11 4.49 20.30
CA ASP A 475 11.29 3.51 21.00
C ASP A 475 11.88 3.22 22.37
N GLU A 476 11.28 2.26 23.08
CA GLU A 476 11.66 1.98 24.46
C GLU A 476 13.06 1.39 24.57
N ASN A 477 13.59 0.78 23.51
CA ASN A 477 14.96 0.29 23.50
C ASN A 477 15.94 1.34 22.99
N GLY A 478 15.47 2.52 22.61
CA GLY A 478 16.34 3.55 22.09
C GLY A 478 16.57 3.50 20.60
N ASN A 479 15.89 2.62 19.87
CA ASN A 479 16.02 2.59 18.42
C ASN A 479 15.39 3.84 17.81
N VAL A 480 16.06 4.40 16.80
CA VAL A 480 15.58 5.60 16.12
C VAL A 480 14.53 5.17 15.09
N LEU A 481 13.28 5.56 15.33
CA LEU A 481 12.19 5.23 14.41
C LEU A 481 12.02 6.25 13.30
N ALA A 482 12.42 7.50 13.53
CA ALA A 482 12.37 8.58 12.56
C ALA A 482 13.23 9.72 13.10
N ASP A 483 13.84 10.47 12.18
CA ASP A 483 14.66 11.61 12.60
C ASP A 483 14.52 12.72 11.55
N ASP A 484 15.30 13.79 11.73
CA ASP A 484 15.23 14.94 10.83
C ASP A 484 15.77 14.63 9.44
N ASN A 485 16.30 13.44 9.20
CA ASN A 485 16.76 13.04 7.89
C ASN A 485 15.81 12.09 7.17
N THR A 486 14.71 11.68 7.82
CA THR A 486 13.84 10.66 7.26
C THR A 486 13.11 11.15 6.00
N GLU A 487 12.55 12.37 6.03
CA GLU A 487 11.72 12.82 4.92
C GLU A 487 12.50 12.85 3.62
N THR A 488 13.76 13.29 3.65
CA THR A 488 14.58 13.46 2.45
C THR A 488 15.57 12.31 2.24
N GLN A 489 15.46 11.24 3.03
CA GLN A 489 16.31 10.07 2.90
C GLN A 489 16.37 9.57 1.45
N ARG A 490 17.55 9.11 1.03
CA ARG A 490 17.67 8.46 -0.27
C ARG A 490 17.27 6.99 -0.18
N TYR A 491 16.51 6.54 -1.17
CA TYR A 491 16.11 5.14 -1.27
C TYR A 491 16.97 4.45 -2.32
N THR A 492 17.33 3.19 -2.06
CA THR A 492 18.13 2.40 -2.96
C THR A 492 17.34 1.18 -3.40
N THR A 493 17.48 0.82 -4.68
CA THR A 493 16.78 -0.34 -5.22
C THR A 493 17.50 -1.63 -4.85
N VAL A 494 16.71 -2.64 -4.52
CA VAL A 494 17.23 -3.96 -4.19
C VAL A 494 16.40 -4.98 -4.95
N SER A 495 17.05 -6.03 -5.45
N SER A 495 17.05 -6.02 -5.46
CA SER A 495 16.38 -7.11 -6.16
CA SER A 495 16.37 -7.10 -6.15
C SER A 495 16.63 -8.43 -5.45
C SER A 495 16.61 -8.41 -5.41
N ILE A 496 15.62 -9.30 -5.48
CA ILE A 496 15.73 -10.65 -4.95
C ILE A 496 15.77 -11.60 -6.15
N GLN A 497 16.83 -12.39 -6.25
CA GLN A 497 16.98 -13.37 -7.31
C GLN A 497 17.02 -14.77 -6.69
N TYR A 498 16.60 -15.76 -7.48
CA TYR A 498 16.43 -17.12 -7.01
C TYR A 498 17.27 -18.05 -7.86
N LYS A 499 18.23 -18.71 -7.22
CA LYS A 499 19.21 -19.53 -7.93
C LYS A 499 19.35 -20.88 -7.25
N PHE A 500 19.70 -21.89 -8.06
CA PHE A 500 20.14 -23.15 -7.51
C PHE A 500 21.55 -23.00 -6.92
N GLU A 501 21.97 -24.00 -6.13
CA GLU A 501 23.28 -23.92 -5.50
C GLU A 501 24.41 -23.89 -6.53
N ASP A 502 24.18 -24.47 -7.71
CA ASP A 502 25.20 -24.44 -8.75
C ASP A 502 25.38 -23.05 -9.35
N GLY A 503 24.34 -22.22 -9.30
CA GLY A 503 24.41 -20.86 -9.78
C GLY A 503 23.48 -20.53 -10.93
N SER A 504 22.75 -21.50 -11.47
CA SER A 504 21.78 -21.21 -12.52
C SER A 504 20.50 -20.62 -11.93
N GLU A 505 19.75 -19.91 -12.78
CA GLU A 505 18.51 -19.28 -12.34
C GLU A 505 17.38 -20.30 -12.29
N ILE A 506 16.55 -20.19 -11.26
CA ILE A 506 15.42 -21.10 -11.10
C ILE A 506 14.36 -20.76 -12.15
N PRO A 507 13.90 -21.72 -12.96
CA PRO A 507 12.90 -21.41 -13.97
C PRO A 507 11.60 -20.94 -13.33
N ASN A 508 10.87 -20.10 -14.07
CA ASN A 508 9.59 -19.55 -13.63
C ASN A 508 9.76 -18.62 -12.43
N THR A 509 10.94 -18.02 -12.30
CA THR A 509 11.15 -16.90 -11.40
C THR A 509 11.62 -15.71 -12.23
N ALA A 510 11.32 -14.52 -11.73
CA ALA A 510 11.73 -13.30 -12.39
C ALA A 510 11.73 -12.20 -11.35
N GLY A 511 12.65 -12.29 -10.39
CA GLY A 511 12.74 -11.36 -9.28
C GLY A 511 12.52 -9.91 -9.64
N GLY A 512 11.64 -9.26 -8.88
CA GLY A 512 11.38 -7.85 -9.06
C GLY A 512 12.27 -7.00 -8.18
N THR A 513 12.08 -5.69 -8.30
CA THR A 513 12.91 -4.71 -7.61
C THR A 513 12.03 -3.83 -6.74
N PHE A 514 12.46 -3.59 -5.50
CA PHE A 514 11.81 -2.62 -4.63
C PHE A 514 12.90 -1.76 -4.00
N THR A 515 12.48 -0.69 -3.33
CA THR A 515 13.41 0.24 -2.72
C THR A 515 13.33 0.15 -1.20
N VAL A 516 14.47 0.38 -0.56
CA VAL A 516 14.55 0.54 0.89
C VAL A 516 15.36 1.80 1.18
N PRO A 517 15.26 2.35 2.38
CA PRO A 517 16.14 3.47 2.73
C PRO A 517 17.60 3.05 2.61
N TYR A 518 18.43 3.98 2.12
CA TYR A 518 19.86 3.73 2.04
C TYR A 518 20.39 3.27 3.40
N GLY A 519 21.15 2.17 3.39
CA GLY A 519 21.70 1.59 4.59
C GLY A 519 20.84 0.55 5.27
N THR A 520 19.66 0.27 4.73
CA THR A 520 18.75 -0.67 5.37
C THR A 520 19.37 -2.06 5.42
N LYS A 521 19.27 -2.70 6.58
CA LYS A 521 19.64 -4.10 6.74
C LYS A 521 18.37 -4.93 6.64
N LEU A 522 18.22 -5.70 5.56
CA LEU A 522 17.03 -6.50 5.36
C LEU A 522 17.03 -7.68 6.33
N ASP A 523 15.97 -7.81 7.12
CA ASP A 523 15.83 -8.88 8.10
C ASP A 523 14.57 -9.66 7.76
N LEU A 524 14.73 -10.77 7.04
CA LEU A 524 13.61 -11.57 6.56
C LEU A 524 13.93 -13.04 6.68
N THR A 525 12.93 -13.83 7.09
CA THR A 525 13.09 -15.28 7.14
C THR A 525 12.64 -15.87 5.80
N PRO A 526 13.57 -16.35 4.97
CA PRO A 526 13.16 -16.89 3.66
C PRO A 526 12.19 -18.06 3.80
N ALA A 527 11.31 -18.19 2.80
CA ALA A 527 10.41 -19.33 2.77
C ALA A 527 11.20 -20.62 2.64
N LYS A 528 10.71 -21.67 3.30
CA LYS A 528 11.43 -22.95 3.31
C LYS A 528 11.45 -23.58 1.93
N THR A 529 10.44 -23.32 1.10
CA THR A 529 10.37 -23.90 -0.22
C THR A 529 10.06 -22.83 -1.26
N LEU A 530 10.45 -23.14 -2.50
CA LEU A 530 10.07 -22.38 -3.69
C LEU A 530 9.64 -23.42 -4.72
N TYR A 531 8.35 -23.47 -5.01
CA TYR A 531 7.77 -24.59 -5.76
C TYR A 531 8.14 -25.84 -4.97
N ASP A 532 8.71 -26.87 -5.61
CA ASP A 532 9.16 -28.07 -4.91
C ASP A 532 10.62 -28.00 -4.48
N TYR A 533 11.27 -26.86 -4.63
CA TYR A 533 12.69 -26.72 -4.30
C TYR A 533 12.85 -26.32 -2.84
N GLU A 534 13.88 -26.85 -2.21
N GLU A 534 13.88 -26.86 -2.20
CA GLU A 534 14.13 -26.63 -0.79
CA GLU A 534 14.12 -26.63 -0.78
C GLU A 534 15.18 -25.53 -0.61
C GLU A 534 15.18 -25.54 -0.62
N PHE A 535 14.90 -24.60 0.29
CA PHE A 535 15.80 -23.48 0.53
C PHE A 535 17.09 -23.93 1.22
N ILE A 536 18.21 -23.41 0.74
CA ILE A 536 19.51 -23.66 1.36
C ILE A 536 19.95 -22.41 2.13
N LYS A 537 20.53 -21.45 1.41
CA LYS A 537 21.11 -20.26 2.02
C LYS A 537 20.69 -19.02 1.25
N VAL A 538 20.97 -17.86 1.83
CA VAL A 538 20.69 -16.57 1.22
C VAL A 538 21.91 -15.68 1.36
N ASP A 539 22.25 -14.97 0.28
CA ASP A 539 23.34 -14.01 0.27
C ASP A 539 22.77 -12.62 0.11
N GLY A 540 23.05 -11.74 1.06
CA GLY A 540 22.62 -10.35 0.94
C GLY A 540 21.78 -9.80 2.08
N LEU A 541 21.31 -10.67 2.97
CA LEU A 541 20.53 -10.22 4.11
C LEU A 541 21.44 -9.78 5.25
N ASN A 542 20.89 -8.98 6.15
CA ASN A 542 21.57 -8.52 7.36
C ASN A 542 22.85 -7.74 7.04
N LYS A 543 22.87 -7.05 5.91
CA LYS A 543 23.98 -6.17 5.54
C LYS A 543 23.42 -4.90 4.93
N PRO A 544 24.06 -3.76 5.16
CA PRO A 544 23.51 -2.48 4.71
C PRO A 544 23.40 -2.42 3.19
N ILE A 545 22.23 -2.03 2.70
CA ILE A 545 21.99 -1.85 1.27
C ILE A 545 22.45 -0.44 0.91
N VAL A 546 23.51 -0.34 0.10
CA VAL A 546 24.17 0.94 -0.08
C VAL A 546 24.36 1.27 -1.55
N SER A 547 23.69 0.53 -2.44
CA SER A 547 23.85 0.77 -3.86
C SER A 547 22.62 0.30 -4.62
N ASP A 548 22.17 1.13 -5.56
CA ASP A 548 21.12 0.71 -6.48
C ASP A 548 21.52 -0.57 -7.19
N GLY A 549 20.53 -1.40 -7.50
CA GLY A 549 20.81 -2.68 -8.11
C GLY A 549 21.51 -3.67 -7.23
N THR A 550 21.37 -3.54 -5.90
CA THR A 550 21.88 -4.58 -5.02
C THR A 550 21.04 -5.83 -5.19
N VAL A 551 21.70 -6.99 -5.24
CA VAL A 551 21.04 -8.27 -5.47
C VAL A 551 21.16 -9.10 -4.20
N VAL A 552 20.02 -9.52 -3.68
CA VAL A 552 19.94 -10.54 -2.64
C VAL A 552 19.57 -11.85 -3.33
N THR A 553 20.33 -12.90 -3.08
CA THR A 553 20.19 -14.15 -3.81
C THR A 553 19.71 -15.24 -2.87
N TYR A 554 18.53 -15.80 -3.16
CA TYR A 554 18.02 -16.96 -2.44
C TYR A 554 18.48 -18.21 -3.17
N TYR A 555 19.06 -19.16 -2.43
CA TYR A 555 19.61 -20.38 -3.01
C TYR A 555 18.76 -21.59 -2.63
N TYR A 556 18.44 -22.42 -3.61
CA TYR A 556 17.59 -23.58 -3.45
C TYR A 556 18.27 -24.82 -4.02
N LYS A 557 17.89 -25.98 -3.49
CA LYS A 557 18.49 -27.24 -3.94
C LYS A 557 17.77 -27.78 -5.17
N ASN A 558 18.39 -28.81 -5.76
CA ASN A 558 17.85 -29.51 -6.94
C ASN A 558 17.68 -28.53 -8.10
C1 PEG B . 21.72 14.92 12.88
O1 PEG B . 20.80 15.76 12.20
C2 PEG B . 21.02 13.99 13.82
O2 PEG B . 19.96 13.34 13.14
C3 PEG B . 19.27 12.41 13.96
C4 PEG B . 20.10 11.18 14.15
O4 PEG B . 19.31 10.07 14.55
ZN ZN C . -6.52 10.07 0.57
#